data_6FN2
#
_entry.id   6FN2
#
_cell.length_a   150.249
_cell.length_b   50.528
_cell.length_c   64.970
_cell.angle_alpha   90.00
_cell.angle_beta   90.00
_cell.angle_gamma   90.00
#
_symmetry.space_group_name_H-M   'P 21 21 21'
#
loop_
_entity.id
_entity.type
_entity.pdbx_description
1 polymer 'Cryptochrome photoreceptor'
2 non-polymer 'FLAVIN-ADENINE DINUCLEOTIDE'
3 non-polymer 8-HYDROXY-10-(D-RIBO-2,3,4,5-TETRAHYDROXYPENTYL)-5-DEAZAISOALLOXAZINE
4 non-polymer GLYCEROL
5 non-polymer 'PHOSPHATE ION'
6 non-polymer 'CHLORIDE ION'
7 water water
#
_entity_poly.entity_id   1
_entity_poly.type   'polypeptide(L)'
_entity_poly.pdbx_seq_one_letter_code
;MAGVKNSIIWFRKGLRLHDNPALLEACKDAKHVYPVFVLDPHFLQQSSYKVSVNRYNFLLESLEDLQRSFQARGSRLLVL
RGKPEEVFPRVFREWGVTQLCFEHDTEPYAKVRDAAVRRLAAEAGVEVVTPISHTLYDTDMLVARNGGAAPLTMQSFTKL
VDRVGDPPAPAPDPPAAMPPPAEDMPSAAPAATGVPTWQEVGFKEPPLTVFKGGETEALARLEAAFQDPKWVAGFQKPDT
DPSAWEKPATTVLSPYLKFGCLSARLFHARLLEVYRRHPAHSQPPVSLRGQLLWREFFYTVGSTTPNFHRMAGNPVCKQI
DWDDNPEFLAAWREARTGFPWIDAIMTQLVTWGWMHHLARHSVACFLTRGDLYVSWERGMEVFEEHLIDQDHYLNAANWM
WLSASAFFSQYFRVYSPVVFGKKYDPEGRFIRKFLPVLKDMPAKYIYEPWTAPLEVQRKAGCVVGRDYPAPIVDHAVASK
ACIARMAAAYRRSKGEKLAAALEHHHHHH
;
_entity_poly.pdbx_strand_id   A
#
# COMPACT_ATOMS: atom_id res chain seq x y z
N VAL A 4 -2.79 40.59 -1.24
CA VAL A 4 -2.21 39.64 -2.25
C VAL A 4 -2.25 38.19 -1.73
N LYS A 5 -2.58 37.24 -2.60
CA LYS A 5 -2.67 35.83 -2.23
C LYS A 5 -1.38 35.08 -2.56
N ASN A 6 -0.73 34.59 -1.52
CA ASN A 6 0.41 33.69 -1.63
C ASN A 6 0.08 32.36 -0.96
N SER A 7 0.18 31.26 -1.72
CA SER A 7 -0.31 29.98 -1.21
C SER A 7 0.73 28.86 -1.22
N ILE A 8 0.59 27.94 -0.26
CA ILE A 8 1.31 26.70 -0.29
C ILE A 8 0.33 25.60 -0.70
N ILE A 9 0.80 24.73 -1.61
CA ILE A 9 0.15 23.45 -1.89
C ILE A 9 1.12 22.43 -1.33
N TRP A 10 0.71 21.79 -0.23
CA TRP A 10 1.53 20.86 0.51
C TRP A 10 1.15 19.43 0.10
N PHE A 11 2.10 18.71 -0.49
CA PHE A 11 1.98 17.32 -0.90
C PHE A 11 2.51 16.41 0.20
N ARG A 12 1.78 15.34 0.49
CA ARG A 12 2.23 14.33 1.45
C ARG A 12 1.95 12.98 0.80
N LYS A 13 0.66 12.68 0.62
CA LYS A 13 0.20 11.78 -0.43
C LYS A 13 -0.29 12.73 -1.53
N GLY A 14 -1.18 12.27 -2.42
CA GLY A 14 -1.77 13.12 -3.45
C GLY A 14 -0.73 13.63 -4.43
N LEU A 15 0.25 12.79 -4.75
CA LEU A 15 1.41 13.20 -5.55
C LEU A 15 1.07 13.19 -7.05
N ARG A 16 0.20 14.11 -7.44
CA ARG A 16 -0.34 14.21 -8.80
C ARG A 16 -0.84 15.63 -9.04
N LEU A 17 -0.99 15.98 -10.31
CA LEU A 17 -1.63 17.23 -10.70
C LEU A 17 -3.12 17.00 -11.05
N HIS A 18 -3.44 15.83 -11.59
CA HIS A 18 -4.84 15.48 -11.85
C HIS A 18 -5.64 15.25 -10.55
N ASP A 19 -6.95 15.38 -10.62
CA ASP A 19 -7.82 15.31 -9.46
C ASP A 19 -7.20 15.82 -8.17
N ASN A 20 -6.85 17.10 -8.16
CA ASN A 20 -6.20 17.70 -7.02
C ASN A 20 -6.88 19.00 -6.65
N PRO A 21 -8.05 18.92 -5.99
CA PRO A 21 -8.76 20.15 -5.62
C PRO A 21 -7.96 21.06 -4.68
N ALA A 22 -7.09 20.48 -3.85
CA ALA A 22 -6.17 21.26 -3.03
C ALA A 22 -5.34 22.20 -3.91
N LEU A 23 -4.66 21.61 -4.89
CA LEU A 23 -3.85 22.36 -5.86
C LEU A 23 -4.67 23.43 -6.57
N LEU A 24 -5.90 23.08 -6.99
CA LEU A 24 -6.79 23.99 -7.70
C LEU A 24 -7.13 25.25 -6.88
N GLU A 25 -7.47 25.04 -5.61
CA GLU A 25 -7.71 26.16 -4.69
C GLU A 25 -6.45 27.00 -4.47
N ALA A 26 -5.32 26.34 -4.23
CA ALA A 26 -4.03 27.04 -4.10
C ALA A 26 -3.70 27.98 -5.26
N CYS A 27 -4.00 27.58 -6.51
CA CYS A 27 -3.69 28.41 -7.69
C CYS A 27 -4.66 29.58 -7.92
N LYS A 28 -5.90 29.41 -7.46
CA LYS A 28 -7.01 30.35 -7.68
C LYS A 28 -6.68 31.74 -7.10
N ASP A 29 -6.55 32.73 -7.98
CA ASP A 29 -6.26 34.15 -7.63
C ASP A 29 -4.91 34.39 -6.97
N ALA A 30 -3.96 33.46 -7.14
CA ALA A 30 -2.67 33.51 -6.46
C ALA A 30 -1.61 34.23 -7.27
N LYS A 31 -0.85 35.08 -6.58
CA LYS A 31 0.32 35.77 -7.15
C LYS A 31 1.51 34.81 -7.17
N HIS A 32 1.73 34.08 -6.07
CA HIS A 32 2.74 33.03 -5.98
C HIS A 32 2.18 31.80 -5.30
N VAL A 33 2.57 30.64 -5.84
CA VAL A 33 2.22 29.35 -5.30
C VAL A 33 3.53 28.64 -5.02
N TYR A 34 3.64 28.06 -3.84
CA TYR A 34 4.82 27.31 -3.43
C TYR A 34 4.45 25.84 -3.28
N PRO A 35 4.81 24.98 -4.26
CA PRO A 35 4.51 23.57 -4.07
C PRO A 35 5.55 22.90 -3.16
N VAL A 36 5.10 22.32 -2.06
CA VAL A 36 5.94 21.87 -0.96
C VAL A 36 5.73 20.39 -0.67
N PHE A 37 6.83 19.65 -0.53
CA PHE A 37 6.85 18.35 0.11
C PHE A 37 7.89 18.44 1.21
N VAL A 38 7.53 18.02 2.41
CA VAL A 38 8.44 18.09 3.54
C VAL A 38 9.06 16.72 3.70
N LEU A 39 10.35 16.62 3.41
CA LEU A 39 11.11 15.38 3.58
C LEU A 39 11.36 15.23 5.07
N ASP A 40 10.51 14.41 5.69
CA ASP A 40 10.27 14.43 7.12
C ASP A 40 11.10 13.31 7.80
N PRO A 41 11.92 13.67 8.82
CA PRO A 41 12.75 12.66 9.50
C PRO A 41 11.97 11.53 10.18
N HIS A 42 10.69 11.75 10.51
CA HIS A 42 9.79 10.67 11.00
C HIS A 42 9.81 9.36 10.19
N PHE A 43 10.01 9.46 8.88
CA PHE A 43 9.95 8.28 8.00
C PHE A 43 11.33 7.68 7.75
N LEU A 44 12.39 8.29 8.29
CA LEU A 44 13.75 7.77 8.12
C LEU A 44 14.38 7.20 9.38
N GLN A 45 13.74 7.38 10.54
CA GLN A 45 14.27 6.86 11.80
C GLN A 45 13.84 5.41 11.98
N GLN A 46 14.64 4.49 11.43
CA GLN A 46 14.25 3.06 11.26
C GLN A 46 13.88 2.36 12.59
N SER A 47 14.15 3.00 13.72
CA SER A 47 13.65 2.61 15.04
C SER A 47 12.14 2.36 15.00
N SER A 48 11.36 3.42 14.77
CA SER A 48 9.91 3.31 14.60
C SER A 48 9.54 3.79 13.21
N TYR A 49 8.73 2.98 12.52
CA TYR A 49 8.46 3.09 11.07
C TYR A 49 9.62 2.52 10.26
N LYS A 50 9.30 1.57 9.36
CA LYS A 50 10.29 0.90 8.56
C LYS A 50 10.04 1.11 7.07
N VAL A 51 11.12 1.26 6.29
CA VAL A 51 11.03 1.56 4.87
C VAL A 51 12.27 1.07 4.11
N SER A 52 12.05 0.22 3.10
CA SER A 52 13.12 -0.27 2.23
C SER A 52 13.51 0.82 1.23
N VAL A 53 14.64 0.61 0.58
CA VAL A 53 15.03 1.46 -0.54
C VAL A 53 14.01 1.38 -1.67
N ASN A 54 13.39 0.20 -1.87
CA ASN A 54 12.38 0.07 -2.90
C ASN A 54 11.27 1.12 -2.76
N ARG A 55 10.68 1.23 -1.57
CA ARG A 55 9.57 2.16 -1.38
C ARG A 55 10.05 3.59 -1.40
N TYR A 56 11.12 3.89 -0.68
CA TYR A 56 11.62 5.25 -0.61
C TYR A 56 12.06 5.79 -1.99
N ASN A 57 12.69 4.95 -2.81
CA ASN A 57 13.04 5.38 -4.15
C ASN A 57 11.80 5.53 -5.06
N PHE A 58 10.77 4.72 -4.84
CA PHE A 58 9.47 4.90 -5.53
C PHE A 58 8.88 6.30 -5.21
N LEU A 59 8.89 6.68 -3.94
CA LEU A 59 8.58 8.05 -3.52
C LEU A 59 9.40 9.15 -4.23
N LEU A 60 10.72 8.99 -4.23
CA LEU A 60 11.62 9.96 -4.88
C LEU A 60 11.34 10.07 -6.39
N GLU A 61 11.12 8.94 -7.03
CA GLU A 61 10.68 8.96 -8.42
C GLU A 61 9.38 9.72 -8.61
N SER A 62 8.45 9.57 -7.68
CA SER A 62 7.18 10.27 -7.76
C SER A 62 7.37 11.76 -7.57
N LEU A 63 8.28 12.14 -6.67
CA LEU A 63 8.59 13.54 -6.47
C LEU A 63 9.26 14.14 -7.70
N GLU A 64 10.20 13.40 -8.31
CA GLU A 64 10.85 13.81 -9.59
C GLU A 64 9.85 14.03 -10.74
N ASP A 65 8.80 13.22 -10.77
CA ASP A 65 7.75 13.36 -11.78
C ASP A 65 6.90 14.63 -11.53
N LEU A 66 6.54 14.87 -10.26
CA LEU A 66 5.96 16.16 -9.85
C LEU A 66 6.80 17.36 -10.24
N GLN A 67 8.09 17.28 -9.97
CA GLN A 67 9.03 18.37 -10.33
C GLN A 67 8.91 18.70 -11.82
N ARG A 68 8.93 17.65 -12.65
CA ARG A 68 8.80 17.79 -14.10
C ARG A 68 7.46 18.38 -14.52
N SER A 69 6.38 17.96 -13.87
CA SER A 69 5.07 18.53 -14.18
C SER A 69 5.01 20.00 -13.78
N PHE A 70 5.56 20.37 -12.63
CA PHE A 70 5.59 21.78 -12.19
C PHE A 70 6.50 22.65 -13.04
N GLN A 71 7.69 22.15 -13.34
CA GLN A 71 8.61 22.84 -14.26
C GLN A 71 7.95 23.11 -15.62
N ALA A 72 7.26 22.09 -16.16
CA ALA A 72 6.52 22.23 -17.42
C ALA A 72 5.41 23.30 -17.40
N ARG A 73 4.87 23.64 -16.22
CA ARG A 73 3.85 24.69 -16.07
C ARG A 73 4.39 26.00 -15.49
N GLY A 74 5.70 26.21 -15.57
CA GLY A 74 6.34 27.44 -15.10
C GLY A 74 6.55 27.56 -13.61
N SER A 75 6.53 26.44 -12.90
CA SER A 75 6.69 26.44 -11.44
C SER A 75 7.82 25.50 -11.02
N ARG A 76 7.78 25.05 -9.77
CA ARG A 76 8.88 24.31 -9.18
C ARG A 76 8.41 23.63 -7.89
N LEU A 77 8.71 22.35 -7.73
CA LEU A 77 8.46 21.63 -6.46
C LEU A 77 9.58 21.94 -5.48
N LEU A 78 9.24 22.34 -4.26
CA LEU A 78 10.24 22.59 -3.20
C LEU A 78 10.25 21.45 -2.17
N VAL A 79 11.33 20.68 -2.15
CA VAL A 79 11.51 19.64 -1.15
C VAL A 79 12.23 20.21 0.06
N LEU A 80 11.45 20.54 1.09
CA LEU A 80 11.98 21.10 2.33
C LEU A 80 12.38 19.99 3.28
N ARG A 81 13.55 20.12 3.88
CA ARG A 81 14.04 19.14 4.84
C ARG A 81 13.58 19.60 6.20
N GLY A 82 13.01 18.69 6.99
CA GLY A 82 12.73 18.96 8.41
C GLY A 82 11.41 18.45 8.89
N LYS A 83 11.12 18.72 10.16
CA LYS A 83 9.81 18.45 10.75
C LYS A 83 8.83 19.54 10.30
N PRO A 84 7.62 19.15 9.84
CA PRO A 84 6.64 20.17 9.43
C PRO A 84 6.34 21.26 10.48
N GLU A 85 6.29 20.88 11.76
CA GLU A 85 6.03 21.81 12.89
C GLU A 85 7.00 22.98 12.94
N GLU A 86 8.26 22.74 12.57
CA GLU A 86 9.33 23.76 12.65
C GLU A 86 9.70 24.38 11.28
N VAL A 87 9.44 23.66 10.18
CA VAL A 87 9.61 24.21 8.85
C VAL A 87 8.53 25.24 8.51
N PHE A 88 7.26 24.92 8.77
CA PHE A 88 6.14 25.75 8.28
C PHE A 88 6.02 27.18 8.84
N PRO A 89 6.21 27.37 10.17
CA PRO A 89 6.21 28.72 10.71
C PRO A 89 7.25 29.65 10.08
N ARG A 90 8.42 29.12 9.76
CA ARG A 90 9.46 29.88 9.08
C ARG A 90 8.96 30.36 7.71
N VAL A 91 8.51 29.43 6.88
CA VAL A 91 8.16 29.77 5.49
C VAL A 91 6.87 30.62 5.36
N PHE A 92 5.90 30.47 6.27
CA PHE A 92 4.71 31.33 6.35
C PHE A 92 5.09 32.81 6.36
N ARG A 93 6.01 33.17 7.26
CA ARG A 93 6.52 34.54 7.37
C ARG A 93 7.37 34.94 6.17
N GLU A 94 8.34 34.10 5.83
CA GLU A 94 9.29 34.41 4.75
C GLU A 94 8.58 34.65 3.43
N TRP A 95 7.57 33.82 3.12
CA TRP A 95 6.86 33.90 1.84
C TRP A 95 5.57 34.71 1.86
N GLY A 96 5.15 35.20 3.04
CA GLY A 96 3.92 35.99 3.14
C GLY A 96 2.66 35.22 2.77
N VAL A 97 2.58 34.00 3.32
CA VAL A 97 1.58 33.03 2.96
C VAL A 97 0.26 33.40 3.59
N THR A 98 -0.81 33.33 2.77
CA THR A 98 -2.19 33.61 3.19
C THR A 98 -3.10 32.37 3.19
N GLN A 99 -2.70 31.32 2.46
CA GLN A 99 -3.48 30.11 2.31
C GLN A 99 -2.53 28.92 2.19
N LEU A 100 -2.81 27.88 2.99
CA LEU A 100 -2.12 26.58 2.93
C LEU A 100 -3.17 25.53 2.55
N CYS A 101 -2.94 24.82 1.45
CA CYS A 101 -3.85 23.82 0.93
C CYS A 101 -3.15 22.47 0.96
N PHE A 102 -3.86 21.44 1.38
CA PHE A 102 -3.37 20.07 1.30
C PHE A 102 -4.49 19.05 1.33
N GLU A 103 -4.19 17.86 0.83
CA GLU A 103 -5.16 16.76 0.77
C GLU A 103 -5.29 16.16 2.16
N HIS A 104 -6.51 16.05 2.66
CA HIS A 104 -6.76 15.43 3.97
C HIS A 104 -6.24 13.99 3.98
N ASP A 105 -5.61 13.59 5.09
CA ASP A 105 -5.31 12.16 5.34
C ASP A 105 -5.78 11.81 6.75
N THR A 106 -6.02 10.52 6.96
CA THR A 106 -6.68 10.02 8.16
C THR A 106 -5.83 9.08 9.01
N GLU A 107 -4.56 8.89 8.63
CA GLU A 107 -3.64 8.07 9.42
C GLU A 107 -3.31 8.72 10.75
N PRO A 108 -2.89 7.93 11.76
CA PRO A 108 -2.53 8.48 13.08
C PRO A 108 -1.49 9.60 13.06
N TYR A 109 -0.38 9.41 12.35
CA TYR A 109 0.65 10.45 12.23
C TYR A 109 0.08 11.69 11.55
N ALA A 110 -0.60 11.48 10.42
CA ALA A 110 -1.23 12.55 9.67
C ALA A 110 -2.13 13.43 10.57
N LYS A 111 -2.96 12.81 11.42
CA LYS A 111 -3.84 13.53 12.36
C LYS A 111 -3.09 14.41 13.35
N VAL A 112 -2.03 13.87 13.96
CA VAL A 112 -1.21 14.64 14.90
C VAL A 112 -0.50 15.77 14.15
N ARG A 113 0.24 15.43 13.11
CA ARG A 113 0.93 16.40 12.27
C ARG A 113 -0.01 17.49 11.79
N ASP A 114 -1.16 17.09 11.23
CA ASP A 114 -2.08 18.04 10.60
C ASP A 114 -2.77 18.97 11.60
N ALA A 115 -3.07 18.46 12.81
CA ALA A 115 -3.56 19.33 13.87
C ALA A 115 -2.50 20.39 14.26
N ALA A 116 -1.25 19.95 14.42
CA ALA A 116 -0.17 20.87 14.78
C ALA A 116 0.08 21.95 13.73
N VAL A 117 -0.03 21.59 12.45
CA VAL A 117 0.16 22.55 11.38
C VAL A 117 -1.02 23.54 11.26
N ARG A 118 -2.24 23.07 11.51
CA ARG A 118 -3.41 23.97 11.58
C ARG A 118 -3.31 25.04 12.67
N ARG A 119 -2.91 24.63 13.87
CA ARG A 119 -2.69 25.55 15.00
C ARG A 119 -1.67 26.63 14.63
N LEU A 120 -0.56 26.21 14.03
CA LEU A 120 0.47 27.11 13.59
C LEU A 120 0.00 28.00 12.47
N ALA A 121 -0.76 27.45 11.53
CA ALA A 121 -1.32 28.24 10.44
C ALA A 121 -2.21 29.37 10.96
N ALA A 122 -3.07 29.06 11.93
CA ALA A 122 -3.98 30.03 12.54
C ALA A 122 -3.23 31.16 13.27
N GLU A 123 -2.16 30.82 13.98
CA GLU A 123 -1.23 31.80 14.58
C GLU A 123 -0.62 32.76 13.57
N ALA A 124 -0.37 32.28 12.35
CA ALA A 124 0.21 33.11 11.28
C ALA A 124 -0.83 33.85 10.40
N GLY A 125 -2.11 33.78 10.78
CA GLY A 125 -3.21 34.32 9.96
C GLY A 125 -3.42 33.60 8.63
N VAL A 126 -2.98 32.34 8.54
CA VAL A 126 -2.99 31.58 7.27
C VAL A 126 -4.26 30.73 7.17
N GLU A 127 -5.01 30.91 6.08
CA GLU A 127 -6.20 30.09 5.81
C GLU A 127 -5.79 28.65 5.48
N VAL A 128 -6.52 27.68 6.02
CA VAL A 128 -6.24 26.26 5.77
C VAL A 128 -7.41 25.63 4.98
N VAL A 129 -7.10 25.02 3.84
CA VAL A 129 -8.09 24.38 2.98
C VAL A 129 -7.67 22.92 2.80
N THR A 130 -8.53 21.98 3.21
CA THR A 130 -8.19 20.55 3.21
C THR A 130 -9.29 19.64 2.61
N PRO A 131 -9.34 19.58 1.29
CA PRO A 131 -10.35 18.72 0.66
C PRO A 131 -10.03 17.22 0.76
N ILE A 132 -11.08 16.41 0.68
CA ILE A 132 -10.95 14.97 0.63
C ILE A 132 -10.65 14.66 -0.83
N SER A 133 -9.58 13.92 -1.09
CA SER A 133 -9.42 13.29 -2.39
C SER A 133 -8.47 12.07 -2.41
N HIS A 134 -8.03 11.59 -1.23
CA HIS A 134 -7.25 10.35 -1.15
C HIS A 134 -8.20 9.16 -1.22
N THR A 135 -9.40 9.34 -0.67
CA THR A 135 -10.40 8.28 -0.63
C THR A 135 -11.51 8.64 -1.59
N LEU A 136 -12.32 7.67 -1.97
CA LEU A 136 -13.52 7.93 -2.81
C LEU A 136 -14.45 8.95 -2.16
N TYR A 137 -14.76 8.74 -0.87
CA TYR A 137 -15.71 9.53 -0.14
C TYR A 137 -15.02 10.18 1.06
N ASP A 138 -15.67 11.20 1.61
CA ASP A 138 -15.32 11.71 2.93
C ASP A 138 -15.69 10.61 3.94
N THR A 139 -14.68 10.04 4.61
CA THR A 139 -14.89 8.85 5.42
C THR A 139 -15.66 9.15 6.71
N ASP A 140 -15.54 10.38 7.19
CA ASP A 140 -16.34 10.88 8.32
C ASP A 140 -17.80 11.02 7.96
N MET A 141 -18.08 11.49 6.75
CA MET A 141 -19.44 11.59 6.24
C MET A 141 -20.11 10.22 6.22
N LEU A 142 -19.39 9.20 5.76
CA LEU A 142 -19.92 7.81 5.68
C LEU A 142 -20.32 7.27 7.04
N VAL A 143 -19.44 7.46 8.02
CA VAL A 143 -19.66 7.05 9.41
C VAL A 143 -20.90 7.78 9.95
N ALA A 144 -20.93 9.09 9.74
CA ALA A 144 -22.08 9.96 10.06
C ALA A 144 -23.39 9.46 9.45
N ARG A 145 -23.40 9.23 8.13
CA ARG A 145 -24.60 8.72 7.45
C ARG A 145 -25.02 7.33 7.95
N ASN A 146 -24.05 6.54 8.43
CA ASN A 146 -24.31 5.21 8.98
C ASN A 146 -24.75 5.22 10.44
N GLY A 147 -25.05 6.41 10.99
CA GLY A 147 -25.44 6.53 12.39
C GLY A 147 -24.29 6.57 13.40
N GLY A 148 -23.11 6.99 12.98
CA GLY A 148 -22.03 7.34 13.92
C GLY A 148 -21.00 6.27 14.25
N ALA A 149 -21.13 5.08 13.66
CA ALA A 149 -20.09 4.06 13.68
C ALA A 149 -19.84 3.52 12.27
N ALA A 150 -18.60 3.11 12.01
CA ALA A 150 -18.23 2.52 10.73
C ALA A 150 -18.81 1.12 10.61
N PRO A 151 -19.33 0.75 9.43
CA PRO A 151 -19.79 -0.64 9.27
C PRO A 151 -18.62 -1.60 9.37
N LEU A 152 -18.88 -2.81 9.83
CA LEU A 152 -17.81 -3.78 10.07
C LEU A 152 -17.82 -4.98 9.13
N THR A 153 -18.67 -4.97 8.10
CA THR A 153 -18.55 -5.95 7.03
C THR A 153 -18.53 -5.22 5.69
N MET A 154 -17.89 -5.84 4.71
CA MET A 154 -17.85 -5.30 3.36
C MET A 154 -19.25 -5.21 2.74
N GLN A 155 -20.12 -6.17 3.07
CA GLN A 155 -21.50 -6.20 2.59
C GLN A 155 -22.29 -4.96 3.03
N SER A 156 -22.25 -4.66 4.31
CA SER A 156 -22.99 -3.51 4.81
C SER A 156 -22.29 -2.20 4.44
N PHE A 157 -20.97 -2.24 4.27
CA PHE A 157 -20.24 -1.08 3.74
C PHE A 157 -20.68 -0.77 2.31
N THR A 158 -20.79 -1.80 1.50
CA THR A 158 -21.23 -1.63 0.10
C THR A 158 -22.64 -1.07 -0.02
N LYS A 159 -23.55 -1.56 0.82
CA LYS A 159 -24.90 -1.03 0.91
C LYS A 159 -24.90 0.42 1.38
N LEU A 160 -24.08 0.74 2.37
CA LEU A 160 -23.98 2.12 2.80
C LEU A 160 -23.61 3.08 1.65
N VAL A 161 -22.56 2.74 0.87
CA VAL A 161 -22.10 3.66 -0.20
C VAL A 161 -23.06 3.73 -1.36
N ASP A 162 -23.79 2.64 -1.62
CA ASP A 162 -24.86 2.67 -2.60
C ASP A 162 -25.96 3.64 -2.19
N ARG A 163 -26.32 3.66 -0.91
CA ARG A 163 -27.30 4.63 -0.39
C ARG A 163 -26.79 6.07 -0.51
N VAL A 164 -25.50 6.28 -0.22
CA VAL A 164 -24.87 7.61 -0.32
C VAL A 164 -24.74 8.10 -1.77
N GLY A 165 -24.47 7.19 -2.71
CA GLY A 165 -24.39 7.56 -4.14
C GLY A 165 -22.98 7.45 -4.71
N ASP A 166 -22.79 8.01 -5.91
CA ASP A 166 -21.50 8.00 -6.57
C ASP A 166 -20.50 8.88 -5.83
N PRO A 167 -19.21 8.51 -5.87
CA PRO A 167 -18.19 9.45 -5.42
C PRO A 167 -18.26 10.73 -6.25
N PRO A 168 -17.71 11.85 -5.73
CA PRO A 168 -17.55 13.04 -6.54
C PRO A 168 -16.72 12.78 -7.79
N ALA A 169 -16.95 13.60 -8.82
CA ALA A 169 -16.16 13.56 -10.02
C ALA A 169 -14.70 13.84 -9.72
N PRO A 170 -13.78 13.27 -10.52
CA PRO A 170 -12.45 13.87 -10.48
C PRO A 170 -12.54 15.38 -10.74
N ALA A 171 -11.86 16.17 -9.93
CA ALA A 171 -11.69 17.59 -10.15
C ALA A 171 -11.01 17.81 -11.50
N PRO A 172 -11.26 18.97 -12.14
CA PRO A 172 -10.62 19.22 -13.44
C PRO A 172 -9.11 19.34 -13.32
N ASP A 173 -8.44 19.25 -14.47
CA ASP A 173 -7.00 19.45 -14.54
C ASP A 173 -6.65 20.90 -14.19
N PRO A 174 -5.48 21.12 -13.58
CA PRO A 174 -5.10 22.48 -13.16
C PRO A 174 -4.61 23.27 -14.35
N PRO A 175 -4.40 24.58 -14.17
CA PRO A 175 -4.12 25.40 -15.34
C PRO A 175 -2.75 25.06 -15.98
N ALA A 176 -2.66 25.31 -17.29
CA ALA A 176 -1.44 25.09 -18.05
C ALA A 176 -0.22 25.91 -17.57
N ALA A 177 -0.48 27.05 -16.90
CA ALA A 177 0.57 27.86 -16.26
C ALA A 177 0.20 28.08 -14.81
N MET A 178 1.19 27.98 -13.92
CA MET A 178 0.98 28.15 -12.49
C MET A 178 1.84 29.27 -11.98
N PRO A 179 1.39 29.97 -10.92
CA PRO A 179 2.24 31.04 -10.41
C PRO A 179 3.44 30.42 -9.71
N PRO A 180 4.67 30.88 -10.03
CA PRO A 180 5.84 30.25 -9.43
C PRO A 180 6.04 30.73 -8.00
N PRO A 181 7.03 30.16 -7.29
CA PRO A 181 7.54 30.78 -6.08
C PRO A 181 8.18 32.13 -6.41
N ALA A 182 8.07 33.10 -5.50
CA ALA A 182 8.77 34.37 -5.67
C ALA A 182 10.29 34.17 -5.73
N GLU A 183 10.97 35.12 -6.38
CA GLU A 183 12.42 35.04 -6.57
C GLU A 183 13.11 35.32 -5.24
N ASP A 184 14.28 34.72 -5.03
CA ASP A 184 15.19 35.04 -3.92
C ASP A 184 14.63 34.82 -2.51
N MET A 185 13.72 33.86 -2.37
CA MET A 185 13.30 33.41 -1.05
C MET A 185 14.30 32.35 -0.58
N PRO A 186 15.00 32.60 0.54
CA PRO A 186 16.08 31.70 0.98
C PRO A 186 15.70 30.24 1.27
N SER A 187 14.48 30.01 1.78
CA SER A 187 13.95 28.65 2.02
C SER A 187 13.50 27.93 0.73
N ALA A 188 13.42 28.68 -0.37
CA ALA A 188 13.13 28.15 -1.69
C ALA A 188 14.36 28.07 -2.59
N ALA A 189 15.54 28.22 -2.02
CA ALA A 189 16.78 28.08 -2.81
C ALA A 189 16.80 26.70 -3.47
N PRO A 190 17.08 26.65 -4.79
CA PRO A 190 17.17 25.38 -5.51
C PRO A 190 17.99 24.28 -4.79
N ALA A 191 19.16 24.64 -4.27
CA ALA A 191 20.09 23.66 -3.67
C ALA A 191 19.62 23.05 -2.35
N ALA A 192 18.68 23.71 -1.69
CA ALA A 192 18.15 23.21 -0.43
C ALA A 192 16.85 22.50 -0.63
N THR A 193 16.33 22.49 -1.88
CA THR A 193 14.96 22.06 -2.16
C THR A 193 14.79 21.09 -3.35
N GLY A 194 15.88 20.44 -3.76
CA GLY A 194 15.85 19.54 -4.90
C GLY A 194 15.43 18.16 -4.44
N VAL A 195 14.98 17.31 -5.36
CA VAL A 195 14.65 15.92 -5.05
C VAL A 195 15.97 15.14 -4.91
N PRO A 196 16.26 14.59 -3.72
CA PRO A 196 17.50 13.81 -3.58
C PRO A 196 17.44 12.42 -4.24
N THR A 197 18.59 11.76 -4.29
CA THR A 197 18.69 10.36 -4.72
C THR A 197 18.64 9.45 -3.51
N TRP A 198 18.44 8.16 -3.77
CA TRP A 198 18.47 7.16 -2.71
C TRP A 198 19.83 7.08 -2.01
N GLN A 199 20.90 7.23 -2.79
CA GLN A 199 22.28 7.33 -2.25
C GLN A 199 22.40 8.43 -1.21
N GLU A 200 22.00 9.65 -1.61
CA GLU A 200 22.09 10.84 -0.75
C GLU A 200 21.20 10.82 0.47
N VAL A 201 20.05 10.16 0.38
CA VAL A 201 19.22 9.94 1.57
C VAL A 201 19.89 8.94 2.51
N GLY A 202 20.77 8.10 1.99
CA GLY A 202 21.62 7.27 2.82
C GLY A 202 21.36 5.78 2.77
N PHE A 203 20.70 5.30 1.72
CA PHE A 203 20.51 3.85 1.55
C PHE A 203 21.78 3.22 1.00
N LYS A 204 22.15 2.09 1.59
CA LYS A 204 23.38 1.36 1.24
C LYS A 204 23.22 0.51 -0.02
N GLU A 205 22.04 -0.08 -0.19
CA GLU A 205 21.78 -1.01 -1.28
C GLU A 205 20.81 -0.40 -2.29
N PRO A 206 21.03 -0.69 -3.59
CA PRO A 206 20.17 -0.13 -4.63
C PRO A 206 18.79 -0.78 -4.67
N PRO A 207 17.78 -0.03 -5.19
CA PRO A 207 16.44 -0.60 -5.39
C PRO A 207 16.40 -1.59 -6.55
N LEU A 208 15.65 -2.68 -6.38
CA LEU A 208 15.54 -3.73 -7.39
C LEU A 208 14.16 -3.88 -8.02
N THR A 209 13.16 -3.14 -7.54
CA THR A 209 11.83 -3.25 -8.12
C THR A 209 11.72 -2.74 -9.56
N VAL A 210 10.75 -3.33 -10.28
CA VAL A 210 10.52 -3.09 -11.71
C VAL A 210 9.41 -2.05 -11.96
N PHE A 211 8.79 -1.56 -10.90
CA PHE A 211 7.70 -0.59 -11.01
C PHE A 211 8.22 0.82 -10.65
N LYS A 212 8.02 1.76 -11.56
CA LYS A 212 8.55 3.12 -11.43
C LYS A 212 7.49 4.05 -10.81
N GLY A 213 7.93 4.95 -9.95
CA GLY A 213 7.06 5.89 -9.30
C GLY A 213 6.55 6.97 -10.23
N GLY A 214 5.48 7.63 -9.79
CA GLY A 214 5.03 8.88 -10.37
C GLY A 214 3.71 8.82 -11.11
N GLU A 215 3.13 10.01 -11.29
CA GLU A 215 1.82 10.17 -11.91
C GLU A 215 1.80 9.73 -13.36
N THR A 216 2.87 10.02 -14.10
CA THR A 216 2.94 9.69 -15.52
C THR A 216 2.89 8.18 -15.69
N GLU A 217 3.66 7.45 -14.89
CA GLU A 217 3.58 5.98 -14.89
C GLU A 217 2.20 5.46 -14.45
N ALA A 218 1.59 6.11 -13.45
CA ALA A 218 0.26 5.72 -12.96
C ALA A 218 -0.80 5.84 -14.06
N LEU A 219 -0.77 6.97 -14.77
CA LEU A 219 -1.74 7.23 -15.84
C LEU A 219 -1.52 6.29 -17.01
N ALA A 220 -0.27 5.93 -17.29
CA ALA A 220 0.06 4.94 -18.33
C ALA A 220 -0.48 3.56 -17.98
N ARG A 221 -0.31 3.17 -16.73
CA ARG A 221 -0.78 1.85 -16.28
C ARG A 221 -2.31 1.79 -16.17
N LEU A 222 -2.93 2.89 -15.77
CA LEU A 222 -4.38 3.02 -15.88
C LEU A 222 -4.85 2.85 -17.35
N GLU A 223 -4.24 3.58 -18.28
CA GLU A 223 -4.58 3.44 -19.72
C GLU A 223 -4.36 2.03 -20.28
N ALA A 224 -3.28 1.37 -19.90
CA ALA A 224 -3.02 0.01 -20.36
C ALA A 224 -4.13 -0.92 -19.90
N ALA A 225 -4.50 -0.82 -18.62
CA ALA A 225 -5.60 -1.60 -18.04
C ALA A 225 -6.94 -1.40 -18.76
N PHE A 226 -7.25 -0.15 -19.12
CA PHE A 226 -8.54 0.16 -19.76
C PHE A 226 -8.60 -0.06 -21.29
N GLN A 227 -7.46 -0.40 -21.90
CA GLN A 227 -7.44 -0.83 -23.31
C GLN A 227 -8.11 -2.21 -23.57
N ASP A 228 -8.56 -2.90 -22.51
CA ASP A 228 -9.33 -4.13 -22.65
C ASP A 228 -10.59 -4.03 -21.76
N PRO A 229 -11.63 -3.30 -22.24
CA PRO A 229 -12.83 -3.11 -21.42
C PRO A 229 -13.61 -4.37 -21.03
N LYS A 230 -13.51 -5.46 -21.81
CA LYS A 230 -14.13 -6.73 -21.43
C LYS A 230 -13.47 -7.30 -20.18
N TRP A 231 -12.13 -7.25 -20.15
CA TRP A 231 -11.36 -7.64 -18.96
C TRP A 231 -11.70 -6.76 -17.75
N VAL A 232 -11.78 -5.45 -17.94
CA VAL A 232 -12.20 -4.55 -16.88
C VAL A 232 -13.62 -4.88 -16.39
N ALA A 233 -14.55 -5.02 -17.33
CA ALA A 233 -15.94 -5.35 -17.05
C ALA A 233 -16.11 -6.66 -16.31
N GLY A 234 -15.38 -7.69 -16.71
CA GLY A 234 -15.57 -9.04 -16.17
C GLY A 234 -14.63 -9.43 -15.04
N PHE A 235 -13.84 -8.47 -14.56
CA PHE A 235 -12.83 -8.73 -13.54
C PHE A 235 -13.42 -9.40 -12.29
N GLN A 236 -12.82 -10.49 -11.85
CA GLN A 236 -13.22 -11.12 -10.58
C GLN A 236 -12.00 -11.45 -9.74
N LYS A 237 -11.75 -10.62 -8.73
CA LYS A 237 -10.53 -10.72 -7.92
C LYS A 237 -10.12 -12.15 -7.51
N PRO A 238 -11.05 -12.95 -6.90
CA PRO A 238 -10.67 -14.32 -6.46
C PRO A 238 -10.30 -15.31 -7.54
N ASP A 239 -10.66 -15.03 -8.81
CA ASP A 239 -10.37 -15.90 -9.95
C ASP A 239 -9.07 -15.53 -10.69
N THR A 240 -8.28 -14.59 -10.14
CA THR A 240 -7.04 -14.15 -10.78
C THR A 240 -5.85 -14.93 -10.23
N ASP A 241 -4.82 -15.05 -11.05
CA ASP A 241 -3.70 -15.96 -10.86
C ASP A 241 -2.50 -15.30 -10.13
N PRO A 242 -2.21 -15.72 -8.87
CA PRO A 242 -1.08 -15.14 -8.11
C PRO A 242 0.35 -15.47 -8.58
N SER A 243 0.50 -16.52 -9.39
CA SER A 243 1.80 -16.92 -9.94
C SER A 243 2.16 -16.20 -11.26
N ALA A 244 1.27 -15.36 -11.77
CA ALA A 244 1.52 -14.61 -13.00
C ALA A 244 2.40 -13.41 -12.62
N TRP A 245 3.58 -13.34 -13.23
CA TRP A 245 4.57 -12.27 -12.97
C TRP A 245 5.03 -11.53 -14.25
N GLU A 246 5.08 -12.19 -15.40
CA GLU A 246 5.44 -11.47 -16.63
C GLU A 246 4.39 -10.41 -16.91
N LYS A 247 3.13 -10.83 -16.99
CA LYS A 247 1.98 -9.95 -16.95
C LYS A 247 1.22 -10.31 -15.66
N PRO A 248 1.43 -9.53 -14.58
CA PRO A 248 0.67 -9.72 -13.34
C PRO A 248 -0.82 -9.74 -13.60
N ALA A 249 -1.58 -10.58 -12.88
CA ALA A 249 -3.01 -10.76 -13.20
C ALA A 249 -3.91 -9.61 -12.77
N THR A 250 -3.41 -8.70 -11.93
CA THR A 250 -4.20 -7.57 -11.46
C THR A 250 -3.54 -6.30 -11.97
N THR A 251 -4.04 -5.12 -11.59
CA THR A 251 -3.63 -3.87 -12.23
C THR A 251 -2.25 -3.40 -11.82
N VAL A 252 -1.81 -3.79 -10.62
CA VAL A 252 -0.63 -3.26 -9.94
C VAL A 252 -0.71 -1.74 -9.77
N LEU A 253 -1.91 -1.24 -9.47
CA LEU A 253 -2.10 0.19 -9.24
C LEU A 253 -1.96 0.61 -7.80
N SER A 254 -1.78 -0.36 -6.90
CA SER A 254 -1.72 -0.10 -5.47
C SER A 254 -0.66 0.89 -5.02
N PRO A 255 0.61 0.77 -5.50
CA PRO A 255 1.57 1.78 -5.03
C PRO A 255 1.28 3.22 -5.46
N TYR A 256 0.60 3.38 -6.60
CA TYR A 256 0.22 4.67 -7.16
C TYR A 256 -0.98 5.25 -6.43
N LEU A 257 -1.92 4.39 -6.05
CA LEU A 257 -3.02 4.78 -5.16
C LEU A 257 -2.52 5.08 -3.75
N LYS A 258 -1.57 4.30 -3.25
CA LYS A 258 -1.00 4.54 -1.94
C LYS A 258 -0.36 5.94 -1.82
N PHE A 259 0.47 6.30 -2.81
CA PHE A 259 1.09 7.64 -2.86
C PHE A 259 0.22 8.74 -3.47
N GLY A 260 -0.85 8.35 -4.12
CA GLY A 260 -1.71 9.32 -4.75
C GLY A 260 -1.17 9.78 -6.08
N CYS A 261 -0.29 9.00 -6.71
CA CYS A 261 0.09 9.23 -8.11
C CYS A 261 -1.12 9.01 -9.02
N LEU A 262 -2.05 8.16 -8.58
CA LEU A 262 -3.32 7.95 -9.22
C LEU A 262 -4.44 8.32 -8.27
N SER A 263 -5.46 8.96 -8.83
CA SER A 263 -6.67 9.34 -8.15
C SER A 263 -7.62 8.15 -8.15
N ALA A 264 -8.07 7.78 -6.96
CA ALA A 264 -9.11 6.80 -6.78
C ALA A 264 -10.43 7.19 -7.45
N ARG A 265 -10.79 8.46 -7.35
CA ARG A 265 -11.97 8.99 -8.05
C ARG A 265 -11.87 8.95 -9.59
N LEU A 266 -10.69 9.22 -10.14
CA LEU A 266 -10.46 9.05 -11.59
C LEU A 266 -10.70 7.60 -11.95
N PHE A 267 -10.08 6.71 -11.19
CA PHE A 267 -10.17 5.27 -11.47
C PHE A 267 -11.64 4.82 -11.41
N HIS A 268 -12.35 5.21 -10.36
CA HIS A 268 -13.79 4.91 -10.19
C HIS A 268 -14.68 5.45 -11.32
N ALA A 269 -14.46 6.69 -11.74
CA ALA A 269 -15.22 7.29 -12.86
C ALA A 269 -14.96 6.52 -14.13
N ARG A 270 -13.70 6.16 -14.36
CA ARG A 270 -13.34 5.32 -15.52
C ARG A 270 -14.03 3.96 -15.51
N LEU A 271 -14.09 3.31 -14.35
CA LEU A 271 -14.82 2.05 -14.20
C LEU A 271 -16.30 2.18 -14.57
N LEU A 272 -16.93 3.23 -14.06
CA LEU A 272 -18.34 3.47 -14.31
C LEU A 272 -18.64 3.73 -15.79
N GLU A 273 -17.73 4.40 -16.50
CA GLU A 273 -17.88 4.57 -17.95
C GLU A 273 -17.99 3.20 -18.62
N VAL A 274 -17.09 2.29 -18.25
CA VAL A 274 -17.04 0.94 -18.82
C VAL A 274 -18.29 0.16 -18.41
N TYR A 275 -18.63 0.21 -17.13
CA TYR A 275 -19.79 -0.52 -16.62
C TYR A 275 -21.10 -0.12 -17.29
N ARG A 276 -21.22 1.15 -17.68
CA ARG A 276 -22.38 1.64 -18.42
C ARG A 276 -22.60 0.90 -19.75
N ARG A 277 -21.52 0.51 -20.43
CA ARG A 277 -21.58 -0.17 -21.73
C ARG A 277 -21.46 -1.70 -21.65
N HIS A 278 -21.51 -2.26 -20.43
CA HIS A 278 -21.23 -3.67 -20.18
C HIS A 278 -22.11 -4.11 -19.03
N PRO A 279 -23.36 -4.49 -19.35
CA PRO A 279 -24.33 -4.67 -18.27
C PRO A 279 -24.22 -5.96 -17.44
N ALA A 280 -23.47 -6.95 -17.94
CA ALA A 280 -23.09 -8.13 -17.17
C ALA A 280 -21.80 -7.91 -16.36
N HIS A 281 -21.35 -6.66 -16.22
CA HIS A 281 -20.12 -6.39 -15.50
C HIS A 281 -20.19 -6.97 -14.10
N SER A 282 -19.04 -7.41 -13.59
CA SER A 282 -18.96 -7.95 -12.24
C SER A 282 -19.37 -6.90 -11.22
N GLN A 283 -19.88 -7.37 -10.08
CA GLN A 283 -20.34 -6.51 -8.98
C GLN A 283 -19.38 -6.66 -7.80
N PRO A 284 -19.43 -5.72 -6.84
CA PRO A 284 -18.66 -5.92 -5.62
C PRO A 284 -19.13 -7.17 -4.88
N PRO A 285 -18.25 -7.83 -4.09
CA PRO A 285 -16.89 -7.35 -3.78
C PRO A 285 -15.80 -7.75 -4.78
N VAL A 286 -16.08 -8.69 -5.68
CA VAL A 286 -15.03 -9.28 -6.55
C VAL A 286 -14.61 -8.36 -7.72
N SER A 287 -15.45 -7.37 -8.08
CA SER A 287 -15.16 -6.50 -9.20
C SER A 287 -14.01 -5.54 -8.90
N LEU A 288 -13.53 -4.88 -9.94
CA LEU A 288 -12.48 -3.90 -9.81
C LEU A 288 -12.94 -2.67 -8.99
N ARG A 289 -14.19 -2.27 -9.16
CA ARG A 289 -14.82 -1.28 -8.28
C ARG A 289 -14.89 -1.81 -6.84
N GLY A 290 -15.20 -3.09 -6.70
CA GLY A 290 -15.12 -3.79 -5.42
C GLY A 290 -13.78 -3.64 -4.71
N GLN A 291 -12.69 -3.64 -5.49
CA GLN A 291 -11.33 -3.51 -4.96
C GLN A 291 -11.09 -2.13 -4.33
N LEU A 292 -11.52 -1.08 -5.03
CA LEU A 292 -11.51 0.27 -4.46
C LEU A 292 -12.39 0.38 -3.21
N LEU A 293 -13.50 -0.36 -3.18
CA LEU A 293 -14.36 -0.37 -2.00
C LEU A 293 -13.75 -1.10 -0.80
N TRP A 294 -12.92 -2.14 -1.02
CA TRP A 294 -12.13 -2.78 0.06
C TRP A 294 -11.22 -1.75 0.68
N ARG A 295 -10.52 -1.00 -0.18
CA ARG A 295 -9.64 0.10 0.25
C ARG A 295 -10.40 1.12 1.08
N GLU A 296 -11.54 1.57 0.55
CA GLU A 296 -12.38 2.56 1.24
C GLU A 296 -12.90 2.01 2.58
N PHE A 297 -13.28 0.74 2.56
CA PHE A 297 -13.81 0.05 3.74
C PHE A 297 -12.79 0.04 4.87
N PHE A 298 -11.55 -0.36 4.58
CA PHE A 298 -10.52 -0.48 5.61
C PHE A 298 -10.04 0.88 6.10
N TYR A 299 -9.92 1.85 5.21
CA TYR A 299 -9.67 3.23 5.62
C TYR A 299 -10.74 3.74 6.56
N THR A 300 -12.01 3.46 6.26
CA THR A 300 -13.14 4.01 7.01
C THR A 300 -13.17 3.42 8.43
N VAL A 301 -13.10 2.08 8.52
CA VAL A 301 -13.00 1.39 9.82
C VAL A 301 -11.70 1.77 10.55
N GLY A 302 -10.60 1.78 9.82
CA GLY A 302 -9.28 2.04 10.40
C GLY A 302 -9.13 3.42 11.05
N SER A 303 -9.65 4.44 10.38
CA SER A 303 -9.54 5.80 10.87
C SER A 303 -10.41 6.10 12.06
N THR A 304 -11.40 5.27 12.35
CA THR A 304 -12.32 5.47 13.48
C THR A 304 -12.12 4.47 14.65
N THR A 305 -11.06 3.67 14.61
CA THR A 305 -10.75 2.65 15.62
C THR A 305 -9.40 3.01 16.24
N PRO A 306 -9.33 3.18 17.59
CA PRO A 306 -8.00 3.44 18.16
C PRO A 306 -7.11 2.17 18.14
N ASN A 307 -5.79 2.36 18.07
CA ASN A 307 -4.81 1.25 17.98
C ASN A 307 -5.10 0.22 16.88
N PHE A 308 -5.58 0.68 15.72
CA PHE A 308 -5.99 -0.22 14.63
C PHE A 308 -4.86 -1.12 14.14
N HIS A 309 -3.65 -0.56 14.08
CA HIS A 309 -2.46 -1.27 13.62
C HIS A 309 -1.82 -2.18 14.69
N ARG A 310 -2.48 -2.39 15.84
CA ARG A 310 -2.01 -3.24 16.93
C ARG A 310 -3.08 -4.21 17.35
N MET A 311 -2.70 -5.22 18.12
CA MET A 311 -3.64 -6.17 18.74
C MET A 311 -4.16 -5.59 20.05
N ALA A 312 -3.25 -5.26 20.98
CA ALA A 312 -3.65 -4.78 22.31
C ALA A 312 -4.24 -3.37 22.22
N GLY A 313 -5.37 -3.18 22.89
CA GLY A 313 -6.10 -1.91 22.88
C GLY A 313 -6.90 -1.63 21.62
N ASN A 314 -7.05 -2.65 20.76
CA ASN A 314 -7.72 -2.51 19.47
C ASN A 314 -9.05 -3.20 19.62
N PRO A 315 -10.17 -2.43 19.60
CA PRO A 315 -11.48 -3.01 19.89
C PRO A 315 -12.04 -3.94 18.80
N VAL A 316 -11.51 -3.89 17.57
CA VAL A 316 -11.99 -4.79 16.50
C VAL A 316 -11.20 -6.12 16.46
N CYS A 317 -10.11 -6.21 17.22
CA CYS A 317 -9.14 -7.27 17.08
C CYS A 317 -9.18 -8.28 18.22
N LYS A 318 -9.31 -9.56 17.89
CA LYS A 318 -9.18 -10.67 18.85
C LYS A 318 -7.83 -10.63 19.51
N GLN A 319 -7.82 -10.87 20.81
CA GLN A 319 -6.58 -11.08 21.57
C GLN A 319 -6.22 -12.55 21.46
N ILE A 320 -5.14 -12.81 20.72
CA ILE A 320 -4.68 -14.18 20.47
C ILE A 320 -3.30 -14.36 21.08
N ASP A 321 -3.07 -15.57 21.56
CA ASP A 321 -1.87 -16.00 22.29
C ASP A 321 -0.70 -16.36 21.35
N TRP A 322 -0.35 -15.44 20.45
CA TRP A 322 0.68 -15.69 19.43
C TRP A 322 2.01 -16.04 20.08
N ASP A 323 2.73 -16.97 19.46
CA ASP A 323 4.03 -17.41 19.97
C ASP A 323 5.09 -16.36 19.68
N ASP A 324 5.96 -16.15 20.66
CA ASP A 324 7.20 -15.43 20.46
C ASP A 324 8.16 -16.49 19.95
N ASN A 325 8.38 -16.50 18.64
CA ASN A 325 9.24 -17.49 18.01
C ASN A 325 10.12 -16.84 16.96
N PRO A 326 11.23 -16.23 17.42
CA PRO A 326 12.15 -15.52 16.52
C PRO A 326 12.74 -16.34 15.37
N GLU A 327 12.98 -17.64 15.56
CA GLU A 327 13.55 -18.45 14.47
C GLU A 327 12.54 -18.73 13.34
N PHE A 328 11.28 -19.01 13.70
CA PHE A 328 10.22 -19.13 12.70
C PHE A 328 10.01 -17.84 11.89
N LEU A 329 9.94 -16.72 12.57
CA LEU A 329 9.81 -15.38 11.95
C LEU A 329 10.98 -15.06 11.03
N ALA A 330 12.18 -15.36 11.49
CA ALA A 330 13.42 -15.12 10.72
C ALA A 330 13.46 -15.97 9.45
N ALA A 331 13.09 -17.24 9.57
CA ALA A 331 13.09 -18.13 8.41
C ALA A 331 12.09 -17.63 7.38
N TRP A 332 10.93 -17.20 7.87
CA TRP A 332 9.90 -16.62 7.03
C TRP A 332 10.38 -15.31 6.35
N ARG A 333 10.93 -14.42 7.16
CA ARG A 333 11.39 -13.11 6.72
C ARG A 333 12.54 -13.23 5.70
N GLU A 334 13.43 -14.19 5.91
CA GLU A 334 14.60 -14.39 5.06
C GLU A 334 14.37 -15.44 3.96
N ALA A 335 13.10 -15.81 3.69
CA ALA A 335 12.77 -16.69 2.56
C ALA A 335 13.51 -18.05 2.60
N ARG A 336 13.50 -18.68 3.77
CA ARG A 336 14.19 -19.97 3.94
C ARG A 336 13.35 -20.91 4.77
N THR A 337 12.05 -20.94 4.48
CA THR A 337 11.12 -21.84 5.12
C THR A 337 11.26 -23.27 4.63
N GLY A 338 11.89 -23.47 3.47
CA GLY A 338 11.93 -24.78 2.81
C GLY A 338 10.69 -25.14 2.01
N PHE A 339 9.72 -24.24 1.90
CA PHE A 339 8.57 -24.38 1.01
C PHE A 339 8.74 -23.42 -0.15
N PRO A 340 9.08 -23.92 -1.34
CA PRO A 340 9.47 -22.96 -2.39
C PRO A 340 8.40 -21.92 -2.78
N TRP A 341 7.12 -22.31 -2.78
CA TRP A 341 6.03 -21.39 -3.00
C TRP A 341 6.12 -20.19 -2.05
N ILE A 342 6.32 -20.47 -0.77
CA ILE A 342 6.40 -19.47 0.29
C ILE A 342 7.68 -18.62 0.09
N ASP A 343 8.80 -19.28 -0.10
CA ASP A 343 10.09 -18.58 -0.27
C ASP A 343 10.18 -17.75 -1.57
N ALA A 344 9.52 -18.19 -2.62
CA ALA A 344 9.51 -17.46 -3.88
C ALA A 344 8.74 -16.14 -3.72
N ILE A 345 7.60 -16.22 -3.04
CA ILE A 345 6.76 -15.07 -2.72
C ILE A 345 7.49 -14.10 -1.82
N MET A 346 8.15 -14.60 -0.78
CA MET A 346 8.93 -13.73 0.12
C MET A 346 10.15 -13.14 -0.58
N THR A 347 10.69 -13.84 -1.58
CA THR A 347 11.73 -13.25 -2.42
C THR A 347 11.17 -12.11 -3.32
N GLN A 348 9.96 -12.32 -3.87
CA GLN A 348 9.29 -11.28 -4.67
C GLN A 348 9.02 -10.03 -3.81
N LEU A 349 8.56 -10.24 -2.58
CA LEU A 349 8.37 -9.17 -1.63
C LEU A 349 9.62 -8.29 -1.50
N VAL A 350 10.78 -8.91 -1.32
CA VAL A 350 12.03 -8.16 -1.09
C VAL A 350 12.66 -7.62 -2.40
N THR A 351 12.35 -8.25 -3.55
CA THR A 351 12.85 -7.81 -4.84
C THR A 351 11.98 -6.71 -5.45
N TRP A 352 10.71 -7.03 -5.64
CA TRP A 352 9.73 -6.19 -6.32
C TRP A 352 9.00 -5.26 -5.36
N GLY A 353 8.79 -5.71 -4.12
CA GLY A 353 7.94 -5.00 -3.18
C GLY A 353 6.47 -5.07 -3.52
N TRP A 354 6.07 -6.05 -4.32
CA TRP A 354 4.69 -6.24 -4.72
C TRP A 354 4.45 -7.70 -5.04
N MET A 355 3.37 -8.25 -4.48
CA MET A 355 2.92 -9.60 -4.87
C MET A 355 1.42 -9.54 -5.08
N HIS A 356 0.92 -10.54 -5.79
CA HIS A 356 -0.50 -10.67 -6.00
C HIS A 356 -1.16 -10.98 -4.66
N HIS A 357 -2.37 -10.47 -4.49
CA HIS A 357 -3.16 -10.60 -3.27
C HIS A 357 -3.20 -12.02 -2.64
N LEU A 358 -3.43 -13.04 -3.46
CA LEU A 358 -3.38 -14.44 -3.04
C LEU A 358 -2.00 -15.01 -2.67
N ALA A 359 -0.91 -14.45 -3.24
CA ALA A 359 0.42 -14.75 -2.71
C ALA A 359 0.66 -14.09 -1.33
N ARG A 360 0.10 -12.89 -1.13
CA ARG A 360 0.09 -12.28 0.22
C ARG A 360 -0.75 -13.14 1.18
N HIS A 361 -1.84 -13.73 0.71
CA HIS A 361 -2.59 -14.73 1.50
C HIS A 361 -1.76 -15.93 1.92
N SER A 362 -1.06 -16.54 0.97
CA SER A 362 -0.29 -17.77 1.28
C SER A 362 0.73 -17.49 2.35
N VAL A 363 1.51 -16.43 2.20
CA VAL A 363 2.60 -16.17 3.16
C VAL A 363 2.09 -15.67 4.52
N ALA A 364 1.03 -14.84 4.52
CA ALA A 364 0.43 -14.35 5.78
C ALA A 364 -0.32 -15.45 6.59
N CYS A 365 -1.04 -16.32 5.90
CA CYS A 365 -1.66 -17.47 6.52
C CYS A 365 -0.60 -18.40 7.14
N PHE A 366 0.44 -18.69 6.35
CA PHE A 366 1.55 -19.57 6.78
C PHE A 366 2.24 -19.03 8.05
N LEU A 367 2.53 -17.72 8.08
CA LEU A 367 3.18 -17.10 9.25
C LEU A 367 2.34 -17.13 10.54
N THR A 368 1.04 -16.91 10.40
CA THR A 368 0.18 -16.63 11.52
C THR A 368 -0.66 -17.86 11.83
N ARG A 369 -1.94 -17.83 11.49
CA ARG A 369 -2.88 -18.88 11.93
C ARG A 369 -2.72 -20.25 11.26
N GLY A 370 -1.87 -20.35 10.24
CA GLY A 370 -1.80 -21.53 9.40
C GLY A 370 -0.72 -22.52 9.73
N ASP A 371 0.48 -22.06 10.11
CA ASP A 371 1.63 -22.95 10.39
C ASP A 371 2.51 -22.54 11.58
N LEU A 372 3.04 -21.33 11.54
CA LEU A 372 4.07 -20.91 12.48
C LEU A 372 3.56 -20.20 13.74
N TYR A 373 2.29 -19.78 13.75
CA TYR A 373 1.64 -19.12 14.89
C TYR A 373 2.36 -17.91 15.46
N VAL A 374 3.03 -17.16 14.59
CA VAL A 374 3.66 -15.89 14.94
C VAL A 374 2.57 -14.81 14.79
N SER A 375 2.71 -13.73 15.57
CA SER A 375 1.79 -12.63 15.52
C SER A 375 1.76 -11.95 14.15
N TRP A 376 0.54 -11.64 13.71
CA TRP A 376 0.33 -10.82 12.52
C TRP A 376 1.07 -9.48 12.58
N GLU A 377 1.37 -8.98 13.77
CA GLU A 377 2.08 -7.71 13.92
C GLU A 377 3.50 -7.81 13.42
N ARG A 378 4.11 -8.99 13.58
CA ARG A 378 5.46 -9.24 13.08
C ARG A 378 5.47 -9.31 11.56
N GLY A 379 4.48 -10.01 11.01
CA GLY A 379 4.30 -10.06 9.57
C GLY A 379 4.07 -8.69 8.97
N MET A 380 3.14 -7.94 9.56
CA MET A 380 2.83 -6.58 9.09
C MET A 380 4.08 -5.69 9.03
N GLU A 381 4.95 -5.80 10.02
CA GLU A 381 6.16 -4.98 10.05
C GLU A 381 7.09 -5.31 8.91
N VAL A 382 7.22 -6.59 8.59
CA VAL A 382 8.07 -7.03 7.49
C VAL A 382 7.51 -6.49 6.18
N PHE A 383 6.20 -6.63 5.98
CA PHE A 383 5.48 -5.99 4.84
C PHE A 383 5.61 -4.46 4.85
N GLU A 384 5.58 -3.84 6.03
CA GLU A 384 5.74 -2.37 6.13
C GLU A 384 7.08 -1.86 5.55
N GLU A 385 8.15 -2.59 5.84
CA GLU A 385 9.45 -2.31 5.27
C GLU A 385 9.49 -2.51 3.75
N HIS A 386 9.08 -3.68 3.27
CA HIS A 386 9.33 -4.09 1.88
C HIS A 386 8.26 -3.76 0.83
N LEU A 387 7.00 -3.62 1.22
CA LEU A 387 5.97 -3.31 0.23
C LEU A 387 6.20 -1.91 -0.32
N ILE A 388 6.14 -1.78 -1.65
CA ILE A 388 6.11 -0.46 -2.29
C ILE A 388 4.75 0.21 -2.21
N ASP A 389 3.70 -0.59 -2.02
CA ASP A 389 2.35 -0.08 -1.81
C ASP A 389 1.94 -0.08 -0.33
N GLN A 390 2.93 -0.17 0.60
CA GLN A 390 2.67 -0.18 2.05
C GLN A 390 1.71 0.94 2.41
N ASP A 391 0.59 0.53 3.00
CA ASP A 391 -0.48 1.43 3.35
C ASP A 391 -0.87 1.09 4.78
N HIS A 392 -0.77 2.09 5.65
CA HIS A 392 -1.00 1.89 7.07
C HIS A 392 -2.27 1.06 7.36
N TYR A 393 -3.42 1.55 6.92
CA TYR A 393 -4.71 0.90 7.19
C TYR A 393 -4.94 -0.39 6.43
N LEU A 394 -4.50 -0.46 5.18
CA LEU A 394 -4.76 -1.65 4.35
C LEU A 394 -3.92 -2.83 4.74
N ASN A 395 -2.68 -2.56 5.16
CA ASN A 395 -1.75 -3.57 5.59
C ASN A 395 -2.21 -4.12 6.93
N ALA A 396 -2.55 -3.24 7.87
CA ALA A 396 -3.07 -3.70 9.15
C ALA A 396 -4.31 -4.58 9.00
N ALA A 397 -5.28 -4.11 8.21
CA ALA A 397 -6.59 -4.72 8.10
C ALA A 397 -6.53 -6.08 7.43
N ASN A 398 -5.72 -6.19 6.39
CA ASN A 398 -5.52 -7.47 5.73
C ASN A 398 -4.77 -8.49 6.57
N TRP A 399 -3.76 -8.05 7.33
CA TRP A 399 -3.07 -8.92 8.30
C TRP A 399 -4.00 -9.43 9.40
N MET A 400 -4.84 -8.54 9.94
CA MET A 400 -5.88 -8.97 10.88
C MET A 400 -6.88 -9.93 10.22
N TRP A 401 -7.29 -9.65 8.99
CA TRP A 401 -8.17 -10.54 8.23
C TRP A 401 -7.53 -11.93 8.08
N LEU A 402 -6.28 -11.97 7.59
CA LEU A 402 -5.57 -13.24 7.30
C LEU A 402 -5.19 -14.08 8.52
N SER A 403 -5.00 -13.43 9.66
CA SER A 403 -4.77 -14.10 10.93
C SER A 403 -6.06 -14.52 11.66
N ALA A 404 -7.23 -14.29 11.07
CA ALA A 404 -8.54 -14.40 11.73
C ALA A 404 -8.63 -13.63 13.07
N SER A 405 -8.09 -12.42 13.10
CA SER A 405 -8.16 -11.56 14.28
C SER A 405 -9.29 -10.51 14.19
N ALA A 406 -9.70 -10.17 12.97
CA ALA A 406 -10.80 -9.25 12.72
C ALA A 406 -11.40 -9.52 11.35
N PHE A 407 -12.68 -9.18 11.18
CA PHE A 407 -13.39 -9.24 9.88
C PHE A 407 -13.71 -10.66 9.38
N PHE A 408 -12.75 -11.56 9.54
CA PHE A 408 -12.84 -12.93 9.04
C PHE A 408 -12.57 -13.85 10.22
N SER A 409 -13.40 -14.89 10.35
CA SER A 409 -13.29 -15.82 11.48
C SER A 409 -13.18 -17.28 11.08
N GLN A 410 -13.05 -17.58 9.78
CA GLN A 410 -13.06 -18.98 9.33
C GLN A 410 -11.65 -19.58 9.36
N TYR A 411 -11.20 -19.84 10.60
CA TYR A 411 -9.84 -20.36 10.85
C TYR A 411 -9.63 -21.84 10.46
N PHE A 412 -10.70 -22.55 10.05
CA PHE A 412 -10.57 -23.89 9.48
C PHE A 412 -10.10 -23.88 8.02
N ARG A 413 -10.22 -22.73 7.35
CA ARG A 413 -9.71 -22.61 5.99
C ARG A 413 -8.21 -22.27 6.03
N VAL A 414 -7.37 -23.24 5.71
CA VAL A 414 -5.92 -23.07 5.76
C VAL A 414 -5.36 -23.41 4.39
N TYR A 415 -4.57 -22.49 3.83
CA TYR A 415 -3.94 -22.68 2.55
C TYR A 415 -2.75 -23.59 2.73
N SER A 416 -2.55 -24.50 1.78
CA SER A 416 -1.40 -25.39 1.76
C SER A 416 -0.22 -24.70 1.09
N PRO A 417 0.93 -24.59 1.80
CA PRO A 417 2.13 -24.04 1.15
C PRO A 417 2.70 -24.87 -0.02
N VAL A 418 2.21 -26.10 -0.18
CA VAL A 418 2.59 -27.02 -1.27
C VAL A 418 1.55 -27.06 -2.41
N VAL A 419 0.28 -27.24 -2.06
CA VAL A 419 -0.80 -27.39 -3.06
C VAL A 419 -1.26 -26.07 -3.69
N PHE A 420 -1.29 -24.98 -2.91
CA PHE A 420 -1.97 -23.75 -3.33
C PHE A 420 -1.50 -23.20 -4.68
N GLY A 421 -0.21 -22.96 -4.78
CA GLY A 421 0.37 -22.43 -6.02
C GLY A 421 0.31 -23.42 -7.15
N LYS A 422 0.42 -24.70 -6.80
CA LYS A 422 0.48 -25.78 -7.78
C LYS A 422 -0.77 -25.87 -8.65
N LYS A 423 -1.94 -25.53 -8.11
CA LYS A 423 -3.16 -25.52 -8.96
C LYS A 423 -3.18 -24.40 -10.00
N TYR A 424 -2.36 -23.37 -9.85
CA TYR A 424 -2.20 -22.33 -10.86
C TYR A 424 -1.03 -22.55 -11.81
N ASP A 425 0.04 -23.11 -11.25
CA ASP A 425 1.34 -23.09 -11.89
C ASP A 425 2.05 -24.42 -11.62
N PRO A 426 1.56 -25.51 -12.26
CA PRO A 426 2.16 -26.84 -12.02
C PRO A 426 3.62 -26.99 -12.44
N GLU A 427 4.06 -26.29 -13.49
CA GLU A 427 5.48 -26.27 -13.89
C GLU A 427 6.40 -25.47 -12.95
N GLY A 428 5.80 -24.67 -12.07
CA GLY A 428 6.57 -23.85 -11.15
C GLY A 428 7.35 -22.74 -11.82
N ARG A 429 6.76 -22.06 -12.80
CA ARG A 429 7.41 -20.91 -13.43
C ARG A 429 7.71 -19.79 -12.42
N PHE A 430 6.78 -19.48 -11.54
CA PHE A 430 6.95 -18.43 -10.53
C PHE A 430 8.12 -18.73 -9.59
N ILE A 431 8.22 -19.98 -9.16
CA ILE A 431 9.31 -20.45 -8.30
C ILE A 431 10.66 -20.41 -9.02
N ARG A 432 10.69 -20.88 -10.27
CA ARG A 432 11.92 -20.80 -11.07
C ARG A 432 12.45 -19.34 -11.25
N LYS A 433 11.53 -18.38 -11.40
CA LYS A 433 11.91 -16.96 -11.44
C LYS A 433 12.56 -16.48 -10.12
N PHE A 434 11.85 -16.59 -9.01
CA PHE A 434 12.29 -15.94 -7.77
C PHE A 434 13.22 -16.76 -6.90
N LEU A 435 13.31 -18.06 -7.16
CA LEU A 435 14.32 -18.92 -6.55
C LEU A 435 15.10 -19.66 -7.61
N PRO A 436 16.04 -18.96 -8.31
CA PRO A 436 16.90 -19.59 -9.33
C PRO A 436 17.53 -20.94 -8.93
N VAL A 437 17.88 -21.10 -7.66
CA VAL A 437 18.41 -22.40 -7.15
C VAL A 437 17.57 -23.65 -7.52
N LEU A 438 16.26 -23.46 -7.75
CA LEU A 438 15.38 -24.54 -8.19
C LEU A 438 15.05 -24.51 -9.70
N LYS A 439 15.80 -23.72 -10.48
CA LYS A 439 15.63 -23.62 -11.95
C LYS A 439 15.46 -24.94 -12.67
N ASP A 440 16.29 -25.92 -12.29
CA ASP A 440 16.38 -27.20 -12.99
C ASP A 440 15.70 -28.35 -12.27
N MET A 441 14.98 -28.09 -11.19
CA MET A 441 14.23 -29.15 -10.49
C MET A 441 13.03 -29.57 -11.35
N PRO A 442 12.81 -30.88 -11.55
CA PRO A 442 11.57 -31.31 -12.23
C PRO A 442 10.29 -30.81 -11.52
N ALA A 443 9.28 -30.44 -12.31
CA ALA A 443 8.00 -29.92 -11.78
C ALA A 443 7.35 -30.85 -10.77
N LYS A 444 7.44 -32.15 -11.02
CA LYS A 444 7.10 -33.24 -10.07
C LYS A 444 7.47 -32.87 -8.63
N TYR A 445 8.67 -32.33 -8.44
CA TYR A 445 9.21 -32.08 -7.11
C TYR A 445 9.36 -30.62 -6.72
N ILE A 446 9.06 -29.68 -7.60
CA ILE A 446 9.41 -28.27 -7.36
C ILE A 446 8.67 -27.61 -6.19
N TYR A 447 7.44 -28.04 -5.90
CA TYR A 447 6.76 -27.53 -4.71
C TYR A 447 7.15 -28.27 -3.42
N GLU A 448 7.85 -29.41 -3.58
CA GLU A 448 8.20 -30.34 -2.51
C GLU A 448 9.60 -30.94 -2.75
N PRO A 449 10.64 -30.09 -2.84
CA PRO A 449 11.94 -30.59 -3.32
C PRO A 449 12.58 -31.68 -2.47
N TRP A 450 12.18 -31.75 -1.19
CA TRP A 450 12.58 -32.82 -0.28
C TRP A 450 12.10 -34.25 -0.65
N THR A 451 11.11 -34.37 -1.55
CA THR A 451 10.62 -35.66 -2.04
C THR A 451 11.30 -36.10 -3.35
N ALA A 452 12.20 -35.28 -3.88
CA ALA A 452 13.00 -35.70 -5.05
C ALA A 452 14.06 -36.71 -4.63
N PRO A 453 14.25 -37.79 -5.41
CA PRO A 453 15.41 -38.66 -5.20
C PRO A 453 16.71 -37.84 -5.13
N LEU A 454 17.66 -38.29 -4.35
CA LEU A 454 18.92 -37.57 -4.20
C LEU A 454 19.64 -37.40 -5.54
N GLU A 455 19.58 -38.44 -6.38
CA GLU A 455 20.12 -38.39 -7.74
C GLU A 455 19.55 -37.23 -8.55
N VAL A 456 18.24 -37.01 -8.41
CA VAL A 456 17.52 -35.90 -9.05
C VAL A 456 17.98 -34.54 -8.47
N GLN A 457 18.12 -34.46 -7.16
CA GLN A 457 18.58 -33.24 -6.49
C GLN A 457 19.98 -32.82 -6.97
N ARG A 458 20.89 -33.79 -7.00
CA ARG A 458 22.25 -33.55 -7.49
C ARG A 458 22.28 -33.16 -8.95
N LYS A 459 21.48 -33.86 -9.77
CA LYS A 459 21.39 -33.58 -11.20
C LYS A 459 20.84 -32.17 -11.47
N ALA A 460 19.90 -31.72 -10.65
CA ALA A 460 19.37 -30.34 -10.73
C ALA A 460 20.25 -29.29 -10.04
N GLY A 461 21.29 -29.72 -9.33
CA GLY A 461 22.20 -28.80 -8.64
C GLY A 461 21.53 -28.13 -7.45
N CYS A 462 20.67 -28.87 -6.75
CA CYS A 462 19.92 -28.33 -5.64
C CYS A 462 19.55 -29.42 -4.65
N VAL A 463 20.48 -29.67 -3.73
CA VAL A 463 20.32 -30.70 -2.72
C VAL A 463 19.72 -30.07 -1.47
N VAL A 464 18.61 -30.66 -1.02
CA VAL A 464 17.92 -30.18 0.17
C VAL A 464 18.83 -30.33 1.40
N GLY A 465 18.98 -29.23 2.14
CA GLY A 465 19.88 -29.14 3.29
C GLY A 465 21.21 -28.49 2.97
N ARG A 466 21.58 -28.42 1.69
CA ARG A 466 22.87 -27.89 1.27
C ARG A 466 22.71 -26.63 0.41
N ASP A 467 21.90 -26.72 -0.65
CA ASP A 467 21.63 -25.58 -1.55
C ASP A 467 20.28 -24.92 -1.31
N TYR A 468 19.29 -25.69 -0.86
CA TYR A 468 17.96 -25.16 -0.51
C TYR A 468 17.54 -25.83 0.80
N PRO A 469 16.99 -25.05 1.77
CA PRO A 469 16.71 -25.66 3.08
C PRO A 469 15.57 -26.68 3.12
N ALA A 470 15.69 -27.66 4.03
CA ALA A 470 14.55 -28.52 4.43
C ALA A 470 13.37 -27.70 4.99
N PRO A 471 12.14 -28.20 4.84
CA PRO A 471 11.00 -27.45 5.37
C PRO A 471 11.04 -27.32 6.89
N ILE A 472 10.78 -26.13 7.42
CA ILE A 472 10.92 -25.90 8.89
C ILE A 472 9.79 -26.50 9.73
N VAL A 473 8.71 -26.93 9.11
CA VAL A 473 7.60 -27.62 9.76
C VAL A 473 7.08 -28.71 8.83
N ASP A 474 6.33 -29.65 9.38
CA ASP A 474 5.45 -30.51 8.58
C ASP A 474 4.10 -29.79 8.52
N HIS A 475 3.69 -29.41 7.33
CA HIS A 475 2.44 -28.65 7.19
C HIS A 475 1.22 -29.35 7.83
N ALA A 476 1.13 -30.67 7.70
CA ALA A 476 0.02 -31.43 8.33
C ALA A 476 0.01 -31.29 9.85
N VAL A 477 1.18 -31.36 10.45
CA VAL A 477 1.31 -31.29 11.90
C VAL A 477 1.12 -29.84 12.38
N ALA A 478 1.72 -28.89 11.67
CA ALA A 478 1.68 -27.47 12.07
C ALA A 478 0.29 -26.86 12.01
N SER A 479 -0.45 -27.20 10.95
CA SER A 479 -1.77 -26.61 10.73
C SER A 479 -2.78 -27.13 11.74
N LYS A 480 -2.75 -28.44 11.99
CA LYS A 480 -3.63 -29.05 13.00
C LYS A 480 -3.43 -28.40 14.38
N ALA A 481 -2.17 -28.21 14.75
CA ALA A 481 -1.82 -27.53 15.99
C ALA A 481 -2.29 -26.08 15.99
N CYS A 482 -2.12 -25.40 14.86
CA CYS A 482 -2.51 -23.99 14.77
C CYS A 482 -4.00 -23.82 14.85
N ILE A 483 -4.75 -24.66 14.12
CA ILE A 483 -6.23 -24.71 14.21
C ILE A 483 -6.72 -24.99 15.65
N ALA A 484 -6.07 -25.93 16.33
CA ALA A 484 -6.34 -26.19 17.76
C ALA A 484 -6.15 -24.96 18.65
N ARG A 485 -5.05 -24.23 18.46
CA ARG A 485 -4.77 -23.02 19.24
C ARG A 485 -5.73 -21.87 18.94
N MET A 486 -6.13 -21.73 17.67
CA MET A 486 -7.11 -20.70 17.27
C MET A 486 -8.47 -20.98 17.91
N ALA A 487 -8.95 -22.22 17.81
CA ALA A 487 -10.20 -22.62 18.48
C ALA A 487 -10.23 -22.24 19.96
N ALA A 488 -9.13 -22.51 20.66
CA ALA A 488 -9.01 -22.22 22.10
C ALA A 488 -8.99 -20.72 22.41
N ALA A 489 -8.38 -19.93 21.51
CA ALA A 489 -8.33 -18.47 21.64
C ALA A 489 -9.70 -17.82 21.44
N TYR A 490 -10.45 -18.36 20.47
CA TYR A 490 -11.83 -17.93 20.20
C TYR A 490 -12.78 -18.25 21.37
N ARG A 491 -12.59 -19.40 22.01
CA ARG A 491 -13.40 -19.79 23.16
C ARG A 491 -13.09 -18.98 24.41
N ARG A 492 -11.82 -18.58 24.58
CA ARG A 492 -11.43 -17.65 25.64
C ARG A 492 -12.00 -16.24 25.48
N SER A 493 -12.35 -15.86 24.25
CA SER A 493 -12.84 -14.51 23.93
C SER A 493 -14.31 -14.25 24.32
N LYS A 494 -15.19 -15.16 23.91
CA LYS A 494 -16.66 -15.05 24.09
C LYS A 494 -17.14 -14.33 25.35
#